data_8CRU
#
_entry.id   8CRU
#
_cell.length_a   86.013
_cell.length_b   86.013
_cell.length_c   88.924
_cell.angle_alpha   90.000
_cell.angle_beta   90.000
_cell.angle_gamma   120.000
#
_symmetry.space_group_name_H-M   'P 31 2 1'
#
loop_
_entity.id
_entity.type
_entity.pdbx_description
1 polymer 'Poly(ethylene terephthalate) hydrolase'
2 non-polymer 'CITRIC ACID'
3 water water
#
_entity_poly.entity_id   1
_entity_poly.type   'polypeptide(L)'
_entity_poly.pdbx_seq_one_letter_code
;MGSNPYQRGPDPTTSSLEASRGPFSVASFTVSRPSGYGAGTVYYPTNAGGKVGAIAIVPGYTARQSSINWWGPRLASHGF
VVITIDTNSTLDQPSSRSSQQMAALRQVVSLSGTSSSPIYNKVDTSRLGVMGWSMGGGGSLISARNNPSLKAAAPQAPWN
SSKNFSSVTVPTLIIACENDTIAPVNSHALPFYNSMSRNPKQYLEINGGSHSCANSGNSNQALIGKKGVAWMKRFMDNDT
RYSSFACSNPNSSSVSDFRTENCSASHHHHHH
;
_entity_poly.pdbx_strand_id   A
#
loop_
_chem_comp.id
_chem_comp.type
_chem_comp.name
_chem_comp.formula
CIT non-polymer 'CITRIC ACID' 'C6 H8 O7'
#
# COMPACT_ATOMS: atom_id res chain seq x y z
N GLY A 2 23.47 -15.94 -0.11
CA GLY A 2 24.14 -15.74 -1.39
C GLY A 2 23.26 -15.08 -2.44
N SER A 3 21.96 -15.03 -2.12
CA SER A 3 20.96 -14.37 -2.93
C SER A 3 19.78 -13.97 -2.03
N ASN A 4 18.75 -13.38 -2.67
CA ASN A 4 17.53 -12.99 -1.99
C ASN A 4 16.39 -13.80 -2.60
N PRO A 5 15.86 -14.80 -1.88
CA PRO A 5 14.85 -15.68 -2.48
C PRO A 5 13.51 -15.03 -2.77
N TYR A 6 13.32 -13.78 -2.32
CA TYR A 6 12.09 -13.03 -2.58
C TYR A 6 12.19 -12.08 -3.78
N GLN A 7 13.38 -11.93 -4.36
CA GLN A 7 13.55 -10.97 -5.43
C GLN A 7 12.84 -11.51 -6.68
N ARG A 8 12.01 -10.62 -7.30
CA ARG A 8 11.25 -10.96 -8.51
C ARG A 8 11.47 -9.86 -9.55
N GLY A 9 11.54 -10.30 -10.81
CA GLY A 9 11.51 -9.40 -11.95
C GLY A 9 12.84 -8.74 -12.26
N PRO A 10 12.85 -8.01 -13.38
CA PRO A 10 14.03 -7.35 -13.87
C PRO A 10 14.42 -6.12 -13.06
N ASP A 11 15.66 -5.68 -13.27
CA ASP A 11 16.16 -4.53 -12.55
C ASP A 11 15.29 -3.32 -12.88
N PRO A 12 14.88 -2.55 -11.88
CA PRO A 12 14.00 -1.40 -12.14
C PRO A 12 14.73 -0.21 -12.70
N THR A 13 13.96 0.60 -13.45
CA THR A 13 14.42 1.86 -13.96
C THR A 13 13.36 2.90 -13.64
N THR A 14 13.74 4.17 -13.73
CA THR A 14 12.75 5.21 -13.56
C THR A 14 11.58 4.98 -14.52
N SER A 15 11.89 4.76 -15.81
CA SER A 15 10.82 4.63 -16.78
CA SER A 15 10.85 4.60 -16.80
CA SER A 15 10.87 4.58 -16.81
C SER A 15 9.95 3.41 -16.47
N SER A 16 10.57 2.29 -16.05
CA SER A 16 9.79 1.09 -15.82
C SER A 16 8.86 1.24 -14.61
N LEU A 17 9.28 2.03 -13.62
CA LEU A 17 8.49 2.25 -12.42
C LEU A 17 7.42 3.34 -12.61
N GLU A 18 7.59 4.22 -13.58
CA GLU A 18 6.62 5.28 -13.89
C GLU A 18 5.57 4.83 -14.90
N ALA A 19 5.80 3.70 -15.59
CA ALA A 19 4.85 3.18 -16.57
C ALA A 19 3.54 2.75 -15.90
N SER A 20 2.47 2.61 -16.72
CA SER A 20 1.19 2.18 -16.18
CA SER A 20 1.18 2.14 -16.24
C SER A 20 1.25 0.73 -15.68
N ARG A 21 2.13 -0.09 -16.26
CA ARG A 21 2.26 -1.49 -15.88
C ARG A 21 3.74 -1.85 -15.78
N GLY A 22 4.02 -2.72 -14.79
CA GLY A 22 5.30 -3.37 -14.65
C GLY A 22 5.43 -4.56 -15.59
N PRO A 23 6.40 -5.44 -15.27
CA PRO A 23 6.78 -6.51 -16.22
C PRO A 23 5.85 -7.70 -16.27
N PHE A 24 4.99 -7.89 -15.25
CA PHE A 24 4.17 -9.08 -15.17
C PHE A 24 2.77 -8.78 -15.68
N SER A 25 2.19 -9.79 -16.32
CA SER A 25 0.82 -9.79 -16.76
CA SER A 25 0.81 -9.79 -16.76
C SER A 25 -0.11 -9.93 -15.54
N VAL A 26 -1.27 -9.28 -15.63
CA VAL A 26 -2.22 -9.24 -14.52
C VAL A 26 -3.53 -9.93 -14.89
N ALA A 27 -4.08 -10.64 -13.90
CA ALA A 27 -5.44 -11.15 -13.95
C ALA A 27 -6.14 -10.78 -12.65
N SER A 28 -7.46 -10.91 -12.64
CA SER A 28 -8.24 -10.59 -11.46
C SER A 28 -9.49 -11.46 -11.38
N PHE A 29 -10.05 -11.50 -10.16
CA PHE A 29 -11.31 -12.15 -9.94
C PHE A 29 -12.01 -11.49 -8.76
N THR A 30 -13.34 -11.62 -8.74
CA THR A 30 -14.17 -11.19 -7.62
C THR A 30 -14.23 -12.33 -6.60
N VAL A 31 -14.07 -11.98 -5.33
CA VAL A 31 -14.22 -12.95 -4.25
C VAL A 31 -15.68 -13.38 -4.18
N SER A 32 -15.93 -14.70 -4.25
CA SER A 32 -17.31 -15.20 -4.29
C SER A 32 -18.03 -15.07 -2.96
N ARG A 33 -17.33 -15.40 -1.87
CA ARG A 33 -17.93 -15.42 -0.54
C ARG A 33 -17.02 -14.63 0.41
N PRO A 34 -17.07 -13.29 0.35
CA PRO A 34 -16.20 -12.49 1.21
C PRO A 34 -16.50 -12.80 2.67
N SER A 35 -15.44 -12.93 3.48
CA SER A 35 -15.54 -13.31 4.87
C SER A 35 -14.94 -12.22 5.77
N GLY A 36 -15.80 -11.46 6.45
CA GLY A 36 -15.34 -10.43 7.36
C GLY A 36 -15.22 -9.03 6.78
N TYR A 37 -15.73 -8.83 5.57
CA TYR A 37 -15.74 -7.56 4.88
C TYR A 37 -16.83 -7.65 3.79
N GLY A 38 -17.05 -6.53 3.07
CA GLY A 38 -18.21 -6.43 2.17
C GLY A 38 -18.05 -7.15 0.83
N ALA A 39 -16.96 -6.85 0.14
CA ALA A 39 -16.68 -7.38 -1.18
C ALA A 39 -15.20 -7.26 -1.42
N GLY A 40 -14.68 -8.02 -2.41
CA GLY A 40 -13.30 -7.87 -2.78
C GLY A 40 -13.03 -8.26 -4.22
N THR A 41 -12.02 -7.61 -4.78
CA THR A 41 -11.43 -8.02 -6.04
C THR A 41 -9.96 -8.35 -5.73
N VAL A 42 -9.50 -9.48 -6.28
CA VAL A 42 -8.11 -9.89 -6.16
C VAL A 42 -7.44 -9.75 -7.53
N TYR A 43 -6.31 -9.04 -7.51
CA TYR A 43 -5.44 -8.83 -8.66
C TYR A 43 -4.16 -9.61 -8.43
N TYR A 44 -3.66 -10.27 -9.47
CA TYR A 44 -2.46 -11.08 -9.26
C TYR A 44 -1.63 -11.09 -10.53
N PRO A 45 -0.32 -11.27 -10.37
CA PRO A 45 0.56 -11.50 -11.52
C PRO A 45 0.37 -12.92 -11.99
N THR A 46 0.32 -13.11 -13.31
CA THR A 46 0.14 -14.45 -13.83
C THR A 46 1.48 -15.16 -14.03
N ASN A 47 2.59 -14.41 -14.02
CA ASN A 47 3.89 -14.91 -14.44
C ASN A 47 5.06 -14.34 -13.61
N ALA A 48 4.87 -14.19 -12.28
CA ALA A 48 5.91 -13.63 -11.45
C ALA A 48 7.12 -14.56 -11.25
N GLY A 49 6.95 -15.86 -11.49
CA GLY A 49 8.08 -16.79 -11.39
C GLY A 49 8.36 -17.30 -9.98
N GLY A 50 7.58 -16.92 -9.02
CA GLY A 50 7.69 -17.39 -7.65
C GLY A 50 6.58 -16.76 -6.82
N LYS A 51 6.44 -17.20 -5.57
CA LYS A 51 5.44 -16.63 -4.68
C LYS A 51 5.72 -15.16 -4.44
N VAL A 52 4.62 -14.42 -4.23
CA VAL A 52 4.70 -13.00 -3.98
C VAL A 52 3.93 -12.65 -2.71
N GLY A 53 4.28 -11.49 -2.15
CA GLY A 53 3.52 -10.98 -0.99
C GLY A 53 2.14 -10.50 -1.41
N ALA A 54 1.30 -10.29 -0.40
CA ALA A 54 -0.07 -9.86 -0.63
C ALA A 54 -0.33 -8.55 0.13
N ILE A 55 -1.17 -7.69 -0.48
CA ILE A 55 -1.47 -6.37 0.04
C ILE A 55 -2.99 -6.21 0.02
N ALA A 56 -3.55 -5.73 1.13
CA ALA A 56 -4.97 -5.41 1.23
C ALA A 56 -5.15 -3.89 1.30
N ILE A 57 -6.07 -3.40 0.42
CA ILE A 57 -6.26 -1.99 0.23
C ILE A 57 -7.73 -1.64 0.54
N VAL A 58 -7.90 -0.66 1.43
CA VAL A 58 -9.22 -0.26 1.92
C VAL A 58 -9.56 1.15 1.49
N PRO A 59 -10.81 1.38 0.99
CA PRO A 59 -11.24 2.73 0.63
C PRO A 59 -11.49 3.59 1.86
N GLY A 60 -11.91 4.83 1.58
CA GLY A 60 -12.33 5.76 2.60
C GLY A 60 -13.82 5.72 2.88
N TYR A 61 -14.20 6.50 3.92
CA TYR A 61 -15.57 6.75 4.30
C TYR A 61 -16.36 7.25 3.10
N THR A 62 -17.54 6.66 2.88
CA THR A 62 -18.46 6.88 1.78
C THR A 62 -17.96 6.39 0.44
N ALA A 63 -16.84 5.69 0.41
CA ALA A 63 -16.21 5.27 -0.84
C ALA A 63 -16.12 3.75 -0.99
N ARG A 64 -15.82 3.33 -2.22
CA ARG A 64 -15.84 1.95 -2.63
C ARG A 64 -14.49 1.61 -3.28
N GLN A 65 -14.40 0.40 -3.80
CA GLN A 65 -13.17 -0.09 -4.44
C GLN A 65 -12.69 0.89 -5.51
N SER A 66 -13.61 1.48 -6.31
CA SER A 66 -13.20 2.35 -7.40
C SER A 66 -12.27 3.49 -6.96
N SER A 67 -12.33 3.94 -5.70
CA SER A 67 -11.49 5.02 -5.23
C SER A 67 -10.02 4.63 -5.18
N ILE A 68 -9.73 3.33 -4.96
CA ILE A 68 -8.37 2.89 -4.67
C ILE A 68 -7.88 1.78 -5.59
N ASN A 69 -8.70 1.34 -6.56
CA ASN A 69 -8.38 0.11 -7.25
C ASN A 69 -7.38 0.26 -8.42
N TRP A 70 -6.96 1.49 -8.76
CA TRP A 70 -5.87 1.63 -9.73
C TRP A 70 -4.61 0.93 -9.21
N TRP A 71 -4.49 0.84 -7.87
CA TRP A 71 -3.36 0.14 -7.28
C TRP A 71 -3.31 -1.34 -7.63
N GLY A 72 -4.48 -1.96 -7.85
CA GLY A 72 -4.55 -3.40 -8.07
C GLY A 72 -3.67 -3.85 -9.22
N PRO A 73 -3.98 -3.37 -10.45
CA PRO A 73 -3.14 -3.74 -11.59
C PRO A 73 -1.71 -3.20 -11.47
N ARG A 74 -1.58 -1.98 -10.96
CA ARG A 74 -0.26 -1.36 -10.89
C ARG A 74 0.70 -2.20 -10.01
N LEU A 75 0.28 -2.51 -8.77
CA LEU A 75 1.11 -3.35 -7.90
C LEU A 75 1.16 -4.77 -8.42
N ALA A 76 0.04 -5.36 -8.88
CA ALA A 76 0.12 -6.77 -9.29
C ALA A 76 1.14 -6.94 -10.41
N SER A 77 1.20 -5.97 -11.33
CA SER A 77 2.10 -6.05 -12.49
C SER A 77 3.59 -5.98 -12.12
N HIS A 78 3.87 -5.62 -10.85
CA HIS A 78 5.24 -5.64 -10.35
C HIS A 78 5.50 -6.81 -9.42
N GLY A 79 4.49 -7.65 -9.17
CA GLY A 79 4.72 -8.85 -8.38
C GLY A 79 4.17 -8.82 -6.95
N PHE A 80 2.87 -8.57 -6.85
CA PHE A 80 2.13 -8.63 -5.58
C PHE A 80 0.73 -9.15 -5.87
N VAL A 81 0.16 -9.89 -4.93
CA VAL A 81 -1.26 -10.17 -4.96
C VAL A 81 -1.95 -9.07 -4.17
N VAL A 82 -2.96 -8.45 -4.78
CA VAL A 82 -3.61 -7.28 -4.19
C VAL A 82 -5.11 -7.55 -4.04
N ILE A 83 -5.64 -7.34 -2.84
CA ILE A 83 -7.08 -7.40 -2.67
C ILE A 83 -7.56 -5.97 -2.39
N THR A 84 -8.50 -5.49 -3.20
CA THR A 84 -9.17 -4.22 -2.96
C THR A 84 -10.56 -4.54 -2.42
N ILE A 85 -10.93 -3.91 -1.29
CA ILE A 85 -12.18 -4.29 -0.66
C ILE A 85 -13.20 -3.16 -0.67
N ASP A 86 -14.48 -3.58 -0.57
CA ASP A 86 -15.53 -2.77 0.00
C ASP A 86 -15.74 -3.22 1.44
N THR A 87 -16.01 -2.23 2.30
CA THR A 87 -16.33 -2.51 3.67
C THR A 87 -17.79 -2.92 3.82
N ASN A 88 -18.08 -3.49 4.98
CA ASN A 88 -19.43 -3.92 5.30
C ASN A 88 -20.43 -2.76 5.13
N SER A 89 -20.04 -1.56 5.59
CA SER A 89 -20.75 -0.32 5.35
C SER A 89 -19.76 0.72 4.89
N THR A 90 -20.18 1.58 3.95
CA THR A 90 -19.33 2.70 3.61
C THR A 90 -19.09 3.67 4.76
N LEU A 91 -19.89 3.56 5.84
CA LEU A 91 -19.76 4.45 6.99
C LEU A 91 -18.85 3.86 8.06
N ASP A 92 -18.21 2.72 7.82
CA ASP A 92 -17.35 2.12 8.84
C ASP A 92 -16.19 3.04 9.17
N GLN A 93 -15.82 3.01 10.46
CA GLN A 93 -14.76 3.83 11.03
C GLN A 93 -13.39 3.17 10.90
N PRO A 94 -12.29 3.91 11.20
CA PRO A 94 -10.97 3.31 11.00
C PRO A 94 -10.67 1.99 11.69
N SER A 95 -11.12 1.80 12.94
CA SER A 95 -10.83 0.54 13.62
CA SER A 95 -10.78 0.54 13.60
C SER A 95 -11.51 -0.64 12.93
N SER A 96 -12.77 -0.41 12.52
CA SER A 96 -13.49 -1.41 11.77
C SER A 96 -12.81 -1.70 10.43
N ARG A 97 -12.37 -0.65 9.76
CA ARG A 97 -11.64 -0.82 8.51
C ARG A 97 -10.39 -1.69 8.70
N SER A 98 -9.67 -1.44 9.79
CA SER A 98 -8.52 -2.28 10.11
C SER A 98 -8.90 -3.76 10.26
N SER A 99 -9.94 -4.04 11.04
N SER A 99 -9.93 -4.03 11.04
CA SER A 99 -10.40 -5.42 11.23
CA SER A 99 -10.40 -5.39 11.24
C SER A 99 -10.72 -6.07 9.89
C SER A 99 -10.72 -6.06 9.89
N GLN A 100 -11.41 -5.31 9.04
CA GLN A 100 -11.82 -5.85 7.73
C GLN A 100 -10.62 -6.03 6.79
N GLN A 101 -9.64 -5.14 6.87
CA GLN A 101 -8.40 -5.24 6.10
C GLN A 101 -7.67 -6.53 6.47
N MET A 102 -7.57 -6.80 7.77
CA MET A 102 -6.92 -8.03 8.22
C MET A 102 -7.71 -9.28 7.84
N ALA A 103 -9.06 -9.21 7.89
CA ALA A 103 -9.90 -10.29 7.41
C ALA A 103 -9.65 -10.55 5.91
N ALA A 104 -9.47 -9.49 5.15
CA ALA A 104 -9.20 -9.63 3.71
C ALA A 104 -7.85 -10.33 3.48
N LEU A 105 -6.83 -9.93 4.25
CA LEU A 105 -5.57 -10.66 4.17
C LEU A 105 -5.72 -12.13 4.51
N ARG A 106 -6.46 -12.44 5.59
CA ARG A 106 -6.67 -13.84 5.92
C ARG A 106 -7.38 -14.57 4.78
N GLN A 107 -8.32 -13.91 4.09
CA GLN A 107 -9.00 -14.59 2.99
C GLN A 107 -8.07 -14.80 1.80
N VAL A 108 -7.17 -13.86 1.51
CA VAL A 108 -6.17 -14.07 0.47
C VAL A 108 -5.34 -15.30 0.81
N VAL A 109 -4.94 -15.43 2.08
CA VAL A 109 -4.17 -16.58 2.53
C VAL A 109 -5.00 -17.87 2.33
N SER A 110 -6.28 -17.82 2.68
CA SER A 110 -7.17 -18.95 2.49
CA SER A 110 -7.13 -19.00 2.51
C SER A 110 -7.30 -19.37 1.03
N LEU A 111 -7.48 -18.36 0.16
CA LEU A 111 -7.59 -18.57 -1.26
C LEU A 111 -6.31 -19.16 -1.85
N SER A 112 -5.15 -18.63 -1.46
CA SER A 112 -3.90 -19.22 -1.91
C SER A 112 -3.80 -20.68 -1.44
N GLY A 113 -4.44 -20.99 -0.31
CA GLY A 113 -4.42 -22.36 0.17
C GLY A 113 -5.50 -23.30 -0.34
N THR A 114 -6.33 -22.82 -1.26
CA THR A 114 -7.48 -23.54 -1.76
C THR A 114 -7.13 -24.07 -3.15
N SER A 115 -7.07 -25.40 -3.27
CA SER A 115 -6.77 -26.02 -4.51
C SER A 115 -7.75 -25.55 -5.60
N SER A 116 -7.21 -25.21 -6.78
CA SER A 116 -7.95 -24.78 -7.95
C SER A 116 -8.47 -23.35 -7.85
N SER A 117 -8.19 -22.59 -6.77
CA SER A 117 -8.47 -21.16 -6.82
C SER A 117 -7.54 -20.50 -7.82
N PRO A 118 -7.86 -19.28 -8.29
CA PRO A 118 -6.98 -18.64 -9.28
C PRO A 118 -5.56 -18.36 -8.79
N ILE A 119 -5.42 -18.25 -7.44
CA ILE A 119 -4.14 -17.87 -6.87
C ILE A 119 -3.55 -19.01 -6.01
N TYR A 120 -3.92 -20.25 -6.31
CA TYR A 120 -3.43 -21.38 -5.53
C TYR A 120 -1.90 -21.38 -5.48
N ASN A 121 -1.38 -21.35 -4.25
CA ASN A 121 0.05 -21.39 -3.96
C ASN A 121 0.85 -20.23 -4.54
N LYS A 122 0.20 -19.11 -4.86
CA LYS A 122 0.88 -17.97 -5.44
C LYS A 122 1.36 -16.95 -4.40
N VAL A 123 0.82 -17.04 -3.18
CA VAL A 123 1.10 -16.05 -2.14
C VAL A 123 2.10 -16.60 -1.11
N ASP A 124 3.10 -15.78 -0.78
CA ASP A 124 3.92 -16.00 0.39
C ASP A 124 3.12 -15.48 1.57
N THR A 125 2.49 -16.43 2.28
CA THR A 125 1.52 -16.13 3.32
C THR A 125 2.18 -15.42 4.53
N SER A 126 3.50 -15.40 4.59
CA SER A 126 4.22 -14.70 5.64
C SER A 126 4.51 -13.25 5.32
N ARG A 127 4.26 -12.80 4.06
CA ARG A 127 4.69 -11.48 3.60
C ARG A 127 3.48 -10.66 3.16
N LEU A 128 2.95 -9.87 4.10
CA LEU A 128 1.69 -9.19 3.93
C LEU A 128 1.87 -7.69 4.19
N GLY A 129 1.05 -6.89 3.50
CA GLY A 129 1.12 -5.45 3.64
C GLY A 129 -0.26 -4.80 3.56
N VAL A 130 -0.28 -3.51 3.90
CA VAL A 130 -1.54 -2.79 4.05
C VAL A 130 -1.45 -1.40 3.42
N MET A 131 -2.55 -1.02 2.73
CA MET A 131 -2.70 0.28 2.13
C MET A 131 -4.16 0.73 2.29
N GLY A 132 -4.44 2.00 2.04
CA GLY A 132 -5.80 2.46 2.07
C GLY A 132 -5.88 3.98 2.20
N TRP A 133 -7.07 4.50 1.86
CA TRP A 133 -7.29 5.92 1.76
C TRP A 133 -8.09 6.48 2.92
N SER A 134 -7.57 7.56 3.52
CA SER A 134 -8.38 8.39 4.43
C SER A 134 -8.73 7.57 5.67
N MET A 135 -10.02 7.33 6.01
CA MET A 135 -10.26 6.44 7.13
C MET A 135 -9.64 5.05 6.89
N GLY A 136 -9.53 4.61 5.64
CA GLY A 136 -8.86 3.36 5.35
C GLY A 136 -7.35 3.43 5.51
N GLY A 137 -6.80 4.63 5.40
CA GLY A 137 -5.41 4.90 5.69
C GLY A 137 -5.11 4.90 7.20
N GLY A 138 -5.99 5.53 7.97
CA GLY A 138 -5.96 5.34 9.41
C GLY A 138 -6.08 3.87 9.80
N GLY A 139 -7.01 3.15 9.14
CA GLY A 139 -7.15 1.74 9.41
C GLY A 139 -5.85 0.97 9.13
N SER A 140 -5.13 1.36 8.06
CA SER A 140 -3.88 0.70 7.72
C SER A 140 -2.82 0.91 8.80
N LEU A 141 -2.77 2.15 9.37
CA LEU A 141 -1.86 2.41 10.47
C LEU A 141 -2.24 1.59 11.71
N ILE A 142 -3.53 1.49 11.99
CA ILE A 142 -4.01 0.65 13.07
C ILE A 142 -3.60 -0.81 12.83
N SER A 143 -3.76 -1.28 11.57
CA SER A 143 -3.35 -2.62 11.25
C SER A 143 -1.88 -2.83 11.56
N ALA A 144 -1.04 -1.89 11.15
CA ALA A 144 0.40 -1.97 11.39
C ALA A 144 0.72 -1.99 12.89
N ARG A 145 0.06 -1.12 13.65
CA ARG A 145 0.24 -1.07 15.09
CA ARG A 145 0.23 -1.06 15.10
C ARG A 145 -0.10 -2.40 15.76
N ASN A 146 -1.22 -3.01 15.33
CA ASN A 146 -1.75 -4.21 15.91
C ASN A 146 -1.10 -5.49 15.39
N ASN A 147 -0.35 -5.40 14.27
CA ASN A 147 0.15 -6.58 13.59
C ASN A 147 1.56 -6.33 13.09
N PRO A 148 2.54 -6.32 14.01
CA PRO A 148 3.93 -6.03 13.64
C PRO A 148 4.56 -7.06 12.70
N SER A 149 3.89 -8.20 12.47
CA SER A 149 4.37 -9.14 11.48
C SER A 149 4.19 -8.59 10.05
N LEU A 150 3.32 -7.60 9.83
CA LEU A 150 3.19 -7.01 8.49
C LEU A 150 4.55 -6.49 8.04
N LYS A 151 4.80 -6.60 6.74
CA LYS A 151 6.09 -6.24 6.17
C LYS A 151 6.16 -4.79 5.67
N ALA A 152 5.01 -4.15 5.38
CA ALA A 152 5.04 -2.81 4.86
C ALA A 152 3.64 -2.23 4.99
N ALA A 153 3.59 -0.91 5.10
CA ALA A 153 2.34 -0.14 5.07
C ALA A 153 2.57 1.08 4.19
N ALA A 154 1.55 1.46 3.40
CA ALA A 154 1.63 2.63 2.56
C ALA A 154 0.25 3.30 2.44
N PRO A 155 -0.28 3.81 3.57
CA PRO A 155 -1.54 4.57 3.51
C PRO A 155 -1.41 5.86 2.72
N GLN A 156 -2.57 6.35 2.24
CA GLN A 156 -2.64 7.58 1.50
C GLN A 156 -3.71 8.50 2.13
N ALA A 157 -3.33 9.76 2.27
CA ALA A 157 -4.17 10.80 2.87
C ALA A 157 -4.85 10.23 4.10
N PRO A 158 -4.09 9.63 5.03
CA PRO A 158 -4.73 8.96 6.15
C PRO A 158 -5.45 9.94 7.08
N TRP A 159 -6.51 9.44 7.70
CA TRP A 159 -7.30 10.12 8.72
C TRP A 159 -7.40 9.18 9.92
N ASN A 160 -7.21 9.71 11.13
CA ASN A 160 -7.44 8.94 12.34
C ASN A 160 -7.52 9.93 13.50
N SER A 161 -8.33 9.58 14.52
CA SER A 161 -8.44 10.45 15.70
CA SER A 161 -8.44 10.45 15.69
C SER A 161 -7.19 10.37 16.58
N SER A 162 -6.72 9.17 16.89
CA SER A 162 -5.49 8.96 17.62
C SER A 162 -4.35 9.23 16.63
N LYS A 163 -3.30 9.93 17.06
CA LYS A 163 -2.17 10.23 16.20
CA LYS A 163 -2.18 10.21 16.18
C LYS A 163 -0.91 9.50 16.65
N ASN A 164 -0.99 8.74 17.71
CA ASN A 164 0.23 8.20 18.34
C ASN A 164 0.50 6.78 17.83
N PHE A 165 1.36 6.70 16.80
CA PHE A 165 1.78 5.44 16.21
C PHE A 165 3.23 5.12 16.62
N SER A 166 3.68 5.64 17.76
N SER A 166 3.64 5.60 17.80
CA SER A 166 5.06 5.43 18.17
CA SER A 166 4.98 5.42 18.34
C SER A 166 5.49 3.96 18.31
C SER A 166 5.46 3.97 18.30
N SER A 167 4.55 3.03 18.52
CA SER A 167 4.91 1.62 18.65
C SER A 167 5.17 0.93 17.32
N VAL A 168 4.83 1.57 16.19
CA VAL A 168 4.85 0.90 14.91
C VAL A 168 6.30 0.59 14.48
N THR A 169 6.55 -0.70 14.15
CA THR A 169 7.85 -1.12 13.67
C THR A 169 7.82 -1.53 12.19
N VAL A 170 6.63 -1.50 11.60
CA VAL A 170 6.43 -1.83 10.19
C VAL A 170 6.92 -0.67 9.35
N PRO A 171 7.74 -0.94 8.29
CA PRO A 171 8.15 0.14 7.38
C PRO A 171 6.95 0.85 6.74
N THR A 172 6.81 2.15 6.98
CA THR A 172 5.60 2.89 6.64
C THR A 172 5.88 4.12 5.80
N LEU A 173 5.28 4.12 4.59
CA LEU A 173 5.23 5.24 3.67
C LEU A 173 3.89 5.94 3.83
N ILE A 174 3.94 7.21 4.22
CA ILE A 174 2.73 7.99 4.24
CA ILE A 174 2.78 8.08 4.32
C ILE A 174 2.69 8.89 3.02
N ILE A 175 1.72 8.57 2.14
CA ILE A 175 1.44 9.37 0.97
C ILE A 175 0.44 10.43 1.41
N ALA A 176 0.80 11.70 1.27
CA ALA A 176 -0.01 12.80 1.74
C ALA A 176 -0.32 13.74 0.58
N CYS A 177 -1.33 14.58 0.81
CA CYS A 177 -1.84 15.45 -0.23
C CYS A 177 -1.74 16.90 0.24
N GLU A 178 -0.95 17.74 -0.42
CA GLU A 178 -0.61 19.05 0.09
C GLU A 178 -1.83 19.84 0.54
N ASN A 179 -2.84 19.86 -0.36
CA ASN A 179 -4.03 20.69 -0.18
C ASN A 179 -5.22 19.89 0.36
N ASP A 180 -4.89 18.91 1.18
CA ASP A 180 -5.91 18.11 1.83
C ASP A 180 -6.66 18.97 2.87
N THR A 181 -7.99 19.11 2.68
CA THR A 181 -8.83 19.79 3.67
C THR A 181 -9.83 18.85 4.37
N ILE A 182 -9.68 17.54 4.15
CA ILE A 182 -10.50 16.56 4.85
C ILE A 182 -9.71 15.89 5.97
N ALA A 183 -8.47 15.51 5.64
CA ALA A 183 -7.48 15.01 6.60
C ALA A 183 -6.26 15.91 6.51
N PRO A 184 -6.37 17.17 6.97
CA PRO A 184 -5.29 18.12 6.76
C PRO A 184 -3.97 17.59 7.33
N VAL A 185 -2.88 17.82 6.61
CA VAL A 185 -1.65 17.11 6.89
C VAL A 185 -1.10 17.41 8.28
N ASN A 186 -1.29 18.65 8.80
CA ASN A 186 -0.72 18.95 10.11
C ASN A 186 -1.51 18.33 11.27
N SER A 187 -2.73 17.85 10.98
CA SER A 187 -3.59 17.17 11.95
C SER A 187 -3.57 15.67 11.81
N HIS A 188 -3.14 15.13 10.64
CA HIS A 188 -3.26 13.71 10.36
C HIS A 188 -1.90 13.18 9.90
N ALA A 189 -1.65 13.22 8.58
CA ALA A 189 -0.45 12.59 8.03
C ALA A 189 0.83 12.92 8.81
N LEU A 190 1.08 14.21 9.08
CA LEU A 190 2.35 14.58 9.70
C LEU A 190 2.45 14.12 11.16
N PRO A 191 1.43 14.33 12.01
CA PRO A 191 1.50 13.73 13.34
C PRO A 191 1.75 12.22 13.30
N PHE A 192 1.10 11.50 12.40
CA PHE A 192 1.35 10.07 12.30
C PHE A 192 2.84 9.78 11.98
N TYR A 193 3.34 10.48 10.95
CA TYR A 193 4.73 10.35 10.53
C TYR A 193 5.69 10.66 11.69
N ASN A 194 5.44 11.80 12.34
CA ASN A 194 6.35 12.31 13.39
C ASN A 194 6.33 11.45 14.64
N SER A 195 5.22 10.74 14.89
CA SER A 195 5.09 9.88 16.05
C SER A 195 6.00 8.65 15.97
N MET A 196 6.40 8.24 14.73
CA MET A 196 7.05 6.97 14.52
C MET A 196 8.57 7.11 14.59
N SER A 197 9.19 6.54 15.62
CA SER A 197 10.64 6.60 15.77
C SER A 197 11.35 5.24 15.63
N ARG A 198 10.60 4.14 15.46
CA ARG A 198 11.17 2.82 15.56
C ARG A 198 11.31 2.11 14.21
N ASN A 199 10.99 2.79 13.11
CA ASN A 199 10.84 2.11 11.84
C ASN A 199 11.44 2.90 10.67
N PRO A 200 11.69 2.22 9.53
CA PRO A 200 11.84 2.94 8.26
C PRO A 200 10.52 3.65 8.00
N LYS A 201 10.61 4.92 7.62
CA LYS A 201 9.39 5.66 7.35
C LYS A 201 9.68 6.74 6.32
N GLN A 202 8.60 7.18 5.67
CA GLN A 202 8.73 8.23 4.66
C GLN A 202 7.43 9.03 4.62
N TYR A 203 7.60 10.31 4.32
CA TYR A 203 6.53 11.27 4.13
C TYR A 203 6.68 11.79 2.69
N LEU A 204 5.65 11.53 1.87
CA LEU A 204 5.67 11.88 0.46
CA LEU A 204 5.66 11.88 0.47
C LEU A 204 4.42 12.71 0.18
N GLU A 205 4.58 14.04 0.14
CA GLU A 205 3.46 14.94 -0.02
C GLU A 205 3.37 15.40 -1.46
N ILE A 206 2.17 15.21 -2.04
CA ILE A 206 1.91 15.46 -3.43
C ILE A 206 1.49 16.91 -3.62
N ASN A 207 2.25 17.60 -4.47
CA ASN A 207 2.10 19.02 -4.74
C ASN A 207 0.71 19.29 -5.32
N GLY A 208 -0.01 20.22 -4.68
CA GLY A 208 -1.32 20.60 -5.13
C GLY A 208 -2.40 19.57 -4.91
N GLY A 209 -2.12 18.50 -4.15
CA GLY A 209 -3.08 17.42 -4.10
C GLY A 209 -4.27 17.73 -3.20
N SER A 210 -5.48 17.43 -3.70
CA SER A 210 -6.64 17.37 -2.85
C SER A 210 -6.61 16.11 -2.02
N HIS A 211 -7.60 15.91 -1.14
CA HIS A 211 -7.71 14.68 -0.37
C HIS A 211 -7.67 13.42 -1.23
N SER A 212 -8.14 13.52 -2.49
CA SER A 212 -8.22 12.37 -3.38
CA SER A 212 -8.24 12.40 -3.42
C SER A 212 -7.01 12.27 -4.31
N CYS A 213 -5.89 12.90 -3.95
CA CYS A 213 -4.73 13.01 -4.84
C CYS A 213 -4.03 11.69 -5.20
N ALA A 214 -4.27 10.61 -4.46
CA ALA A 214 -3.66 9.33 -4.76
C ALA A 214 -4.72 8.29 -5.15
N ASN A 215 -5.93 8.76 -5.49
CA ASN A 215 -7.03 7.87 -5.81
C ASN A 215 -7.01 7.48 -7.30
N SER A 216 -7.85 6.54 -7.68
CA SER A 216 -7.97 6.17 -9.08
C SER A 216 -8.25 7.44 -9.91
N GLY A 217 -7.60 7.50 -11.07
CA GLY A 217 -7.75 8.63 -11.96
C GLY A 217 -6.89 9.85 -11.67
N ASN A 218 -6.00 9.76 -10.66
CA ASN A 218 -5.20 10.90 -10.28
C ASN A 218 -4.19 11.19 -11.41
N SER A 219 -3.65 12.42 -11.41
CA SER A 219 -2.77 12.93 -12.44
CA SER A 219 -2.76 12.93 -12.45
C SER A 219 -1.30 12.67 -12.13
N ASN A 220 -1.04 11.93 -11.03
CA ASN A 220 0.34 11.68 -10.60
C ASN A 220 0.64 10.19 -10.43
N GLN A 221 0.05 9.35 -11.31
CA GLN A 221 0.26 7.91 -11.19
C GLN A 221 1.72 7.54 -11.48
N ALA A 222 2.42 8.35 -12.27
CA ALA A 222 3.82 8.03 -12.54
C ALA A 222 4.62 8.08 -11.23
N LEU A 223 4.56 9.21 -10.52
CA LEU A 223 5.32 9.36 -9.29
C LEU A 223 4.77 8.49 -8.16
N ILE A 224 3.46 8.57 -7.93
CA ILE A 224 2.87 7.86 -6.81
C ILE A 224 3.03 6.34 -6.98
N GLY A 225 2.80 5.86 -8.19
CA GLY A 225 2.95 4.44 -8.43
C GLY A 225 4.40 3.97 -8.34
N LYS A 226 5.34 4.80 -8.82
CA LYS A 226 6.75 4.51 -8.65
C LYS A 226 7.09 4.34 -7.17
N LYS A 227 6.67 5.30 -6.33
CA LYS A 227 7.04 5.28 -4.92
C LYS A 227 6.35 4.15 -4.17
N GLY A 228 5.07 3.90 -4.44
CA GLY A 228 4.39 2.84 -3.74
C GLY A 228 4.95 1.47 -4.08
N VAL A 229 5.18 1.22 -5.38
CA VAL A 229 5.81 -0.04 -5.76
C VAL A 229 7.20 -0.17 -5.15
N ALA A 230 8.00 0.91 -5.24
CA ALA A 230 9.36 0.82 -4.72
C ALA A 230 9.38 0.49 -3.23
N TRP A 231 8.48 1.13 -2.47
CA TRP A 231 8.41 0.88 -1.04
C TRP A 231 8.06 -0.58 -0.78
N MET A 232 7.02 -1.08 -1.47
CA MET A 232 6.60 -2.45 -1.24
CA MET A 232 6.60 -2.45 -1.25
C MET A 232 7.68 -3.46 -1.67
N LYS A 233 8.37 -3.20 -2.79
CA LYS A 233 9.48 -4.03 -3.19
C LYS A 233 10.59 -4.02 -2.14
N ARG A 234 11.00 -2.84 -1.70
CA ARG A 234 12.10 -2.74 -0.78
C ARG A 234 11.80 -3.50 0.52
N PHE A 235 10.57 -3.35 1.05
CA PHE A 235 10.28 -3.87 2.37
C PHE A 235 9.54 -5.20 2.38
N MET A 236 8.58 -5.45 1.46
CA MET A 236 7.97 -6.76 1.46
CA MET A 236 7.94 -6.75 1.36
C MET A 236 8.89 -7.84 0.86
N ASP A 237 9.78 -7.47 -0.07
CA ASP A 237 10.66 -8.42 -0.75
C ASP A 237 12.11 -8.30 -0.29
N ASN A 238 12.41 -7.33 0.58
CA ASN A 238 13.78 -7.03 0.95
C ASN A 238 14.63 -6.73 -0.29
N ASP A 239 14.04 -6.14 -1.31
CA ASP A 239 14.70 -6.03 -2.60
C ASP A 239 15.54 -4.75 -2.63
N THR A 240 16.85 -4.93 -2.45
CA THR A 240 17.76 -3.81 -2.33
C THR A 240 18.02 -3.09 -3.63
N ARG A 241 17.57 -3.65 -4.75
CA ARG A 241 17.62 -2.91 -6.01
C ARG A 241 16.70 -1.69 -5.95
N TYR A 242 15.75 -1.72 -5.01
CA TYR A 242 14.78 -0.65 -4.86
C TYR A 242 15.13 0.32 -3.74
N SER A 243 16.30 0.15 -3.11
CA SER A 243 16.65 1.03 -1.99
C SER A 243 16.69 2.49 -2.44
N SER A 244 17.30 2.80 -3.59
CA SER A 244 17.37 4.12 -4.17
CA SER A 244 17.35 4.20 -3.93
C SER A 244 15.97 4.72 -4.34
N PHE A 245 15.18 3.95 -5.08
CA PHE A 245 13.85 4.43 -5.45
C PHE A 245 12.99 4.61 -4.20
N ALA A 246 13.08 3.67 -3.27
CA ALA A 246 12.26 3.73 -2.05
C ALA A 246 12.70 4.86 -1.13
N CYS A 247 14.03 4.97 -0.90
CA CYS A 247 14.53 5.79 0.19
C CYS A 247 14.94 7.21 -0.20
N SER A 248 15.16 7.45 -1.48
N SER A 248 15.17 7.43 -1.50
CA SER A 248 15.71 8.74 -1.87
CA SER A 248 15.68 8.71 -2.00
C SER A 248 14.60 9.73 -2.23
C SER A 248 14.56 9.72 -2.19
N ASN A 249 14.94 11.00 -2.08
CA ASN A 249 14.09 12.08 -2.56
C ASN A 249 13.97 11.92 -4.08
N PRO A 250 12.74 11.82 -4.63
CA PRO A 250 12.56 11.64 -6.07
C PRO A 250 12.84 12.91 -6.89
N ASN A 251 13.10 14.04 -6.22
CA ASN A 251 13.41 15.30 -6.90
C ASN A 251 12.38 15.60 -7.99
N SER A 252 11.11 15.65 -7.56
CA SER A 252 9.97 15.70 -8.46
C SER A 252 9.23 17.03 -8.26
N SER A 253 8.85 17.68 -9.36
CA SER A 253 7.96 18.83 -9.30
C SER A 253 6.58 18.45 -8.76
N SER A 254 6.26 17.15 -8.71
CA SER A 254 4.97 16.69 -8.22
C SER A 254 4.97 16.50 -6.69
N VAL A 255 6.12 16.73 -6.03
CA VAL A 255 6.28 16.53 -4.60
C VAL A 255 6.51 17.89 -3.94
N SER A 256 5.67 18.24 -2.97
CA SER A 256 5.78 19.48 -2.23
C SER A 256 6.52 19.32 -0.89
N ASP A 257 6.73 18.09 -0.41
CA ASP A 257 7.44 17.86 0.84
C ASP A 257 7.87 16.39 0.82
N PHE A 258 9.13 16.17 1.19
CA PHE A 258 9.70 14.84 1.25
C PHE A 258 10.50 14.73 2.56
N ARG A 259 10.23 13.68 3.34
CA ARG A 259 10.95 13.40 4.56
C ARG A 259 11.12 11.89 4.66
N THR A 260 12.27 11.43 5.20
CA THR A 260 12.44 9.98 5.41
C THR A 260 13.42 9.77 6.55
N GLU A 261 13.26 8.63 7.21
CA GLU A 261 14.17 8.21 8.26
C GLU A 261 14.35 6.70 8.23
N ASN A 262 15.52 6.25 8.67
CA ASN A 262 15.79 4.84 8.82
C ASN A 262 15.58 4.05 7.51
N CYS A 263 15.90 4.70 6.39
CA CYS A 263 15.73 4.16 5.06
C CYS A 263 17.05 4.39 4.27
N SER A 264 17.94 3.44 4.09
CA SER A 264 19.22 3.79 3.41
C SER A 264 19.05 3.74 1.89
N ALA A 265 19.42 4.83 1.18
CA ALA A 265 19.45 4.80 -0.29
C ALA A 265 20.79 4.24 -0.77
C1 CIT B . -15.42 -20.53 -7.29
O1 CIT B . -16.07 -21.42 -6.72
O2 CIT B . -15.46 -20.27 -8.50
C2 CIT B . -14.56 -19.67 -6.41
C3 CIT B . -13.52 -18.80 -7.13
O7 CIT B . -14.18 -17.80 -7.90
C4 CIT B . -12.64 -18.07 -6.10
C5 CIT B . -13.39 -17.32 -5.00
O3 CIT B . -13.55 -17.88 -3.87
O4 CIT B . -13.83 -16.24 -5.26
C6 CIT B . -12.59 -19.69 -8.01
O5 CIT B . -12.11 -20.75 -7.47
O6 CIT B . -12.32 -19.27 -9.21
H21 CIT B . -14.07 -20.25 -5.78
H22 CIT B . -15.13 -19.07 -5.89
H41 CIT B . -12.07 -17.43 -6.57
H42 CIT B . -12.06 -18.73 -5.67
#